data_8Q9V
#
_entry.id   8Q9V
#
_cell.length_a   96.511
_cell.length_b   96.511
_cell.length_c   147.585
_cell.angle_alpha   90.00
_cell.angle_beta   90.00
_cell.angle_gamma   120.00
#
_symmetry.space_group_name_H-M   'P 32 1 2'
#
loop_
_entity.id
_entity.type
_entity.pdbx_description
1 polymer 'urocanate hydratase'
2 non-polymer 'TETRAETHYLENE GLYCOL'
3 non-polymer '3-[(4~{R})-5-oxidanylidene-1,4-dihydroimidazol-4-yl]propanoic acid'
4 non-polymer NICOTINAMIDE-ADENINE-DINUCLEOTIDE
5 non-polymer 'ACETIC ACID'
6 non-polymer 1,2-ETHANEDIOL
7 water water
#
_entity_poly.entity_id   1
_entity_poly.type   'polypeptide(L)'
_entity_poly.pdbx_seq_one_letter_code
;MQAEKTPRNIKAARGTTLRCKGWQQETILRLLENNIENGERPEDLVIYMNAAKAARDWDCFDAIVRTLKTMEADETLVVQ
SGKPVGLFRTHAFAPRVLLANGNVAGRWAGDANMFELEKRGLTILPGMTAACWQYIGSQGIVQGTYQSFVSAAEQYFGGS
LAGRIILTAGAGGMGGAQPLAGKMAGAATLVVDVDPVSLERRLNTGYLDVIATSVDDALARIRTLAAEREGGSVGIVGNA
ADVFEALHRKELRPDIVTDQCMVDPYRGYVPSGLSPAEAAQLVRTDPEQALALAAATLARHARAMLRFRDDGAVVFEYGN
TLRARSVAAGVPEAGELPSFVTLFIRPLFCRGIGPFRWIAASGDPKDIAAIDGIIESTFAEGHMIRQWIPMARKYIQFQG
LPARIGWLGHGERSKLALLVNEAVADGRISAPIAFTRDHLDAGSVASPYRETEKMQDGSDAVSDWPLLNAMLACSNGASL
VALHSNGDKSASAGQTAIADGTPMAAFKLKSVLDADTGIGVIRYADAGYEVARETRALHGLGIEIGGGE
;
_entity_poly.pdbx_strand_id   A
#
loop_
_chem_comp.id
_chem_comp.type
_chem_comp.name
_chem_comp.formula
ACY non-polymer 'ACETIC ACID' 'C2 H4 O2'
EDO non-polymer 1,2-ETHANEDIOL 'C2 H6 O2'
NAD non-polymer NICOTINAMIDE-ADENINE-DINUCLEOTIDE 'C21 H27 N7 O14 P2'
O66 non-polymer '3-[(4~{R})-5-oxidanylidene-1,4-dihydroimidazol-4-yl]propanoic acid' 'C6 H8 N2 O3'
PG4 non-polymer 'TETRAETHYLENE GLYCOL' 'C8 H18 O5'
#
# COMPACT_ATOMS: atom_id res chain seq x y z
N THR A 6 21.13 3.95 22.31
CA THR A 6 20.69 2.55 22.36
C THR A 6 19.34 2.28 21.61
N PRO A 7 19.40 1.40 20.59
CA PRO A 7 18.24 1.15 19.73
C PRO A 7 17.09 0.38 20.39
N ARG A 8 15.89 0.72 19.95
CA ARG A 8 14.70 0.02 20.44
C ARG A 8 14.62 -1.39 19.89
N ASN A 9 14.84 -1.54 18.57
CA ASN A 9 14.72 -2.84 17.91
C ASN A 9 13.38 -3.53 18.22
N ILE A 10 12.28 -2.81 18.00
CA ILE A 10 10.96 -3.37 18.28
C ILE A 10 10.72 -4.62 17.44
N LYS A 11 10.18 -5.64 18.09
CA LYS A 11 9.73 -6.87 17.41
C LYS A 11 8.35 -7.17 17.94
N ALA A 12 7.49 -7.69 17.07
CA ALA A 12 6.21 -8.16 17.56
C ALA A 12 6.40 -9.41 18.42
N ALA A 13 5.60 -9.53 19.47
CA ALA A 13 5.55 -10.77 20.25
C ALA A 13 5.04 -11.92 19.39
N ARG A 14 5.65 -13.09 19.56
CA ARG A 14 5.22 -14.35 18.96
C ARG A 14 4.55 -15.24 20.00
N GLY A 15 3.82 -16.24 19.54
CA GLY A 15 3.30 -17.25 20.44
C GLY A 15 1.90 -16.93 20.94
N THR A 16 1.46 -17.65 21.97
CA THR A 16 0.06 -17.61 22.37
C THR A 16 -0.14 -17.12 23.80
N THR A 17 0.82 -16.34 24.33
CA THR A 17 0.74 -15.77 25.67
C THR A 17 0.33 -14.29 25.60
N LEU A 18 -0.76 -13.95 26.31
CA LEU A 18 -1.22 -12.57 26.46
C LEU A 18 -0.31 -11.74 27.37
N ARG A 19 0.11 -10.57 26.89
CA ARG A 19 0.54 -9.45 27.70
C ARG A 19 -0.56 -8.44 27.98
N CYS A 20 -1.66 -8.43 27.21
CA CYS A 20 -2.76 -7.53 27.47
C CYS A 20 -3.87 -8.29 28.15
N LYS A 21 -4.98 -7.60 28.40
CA LYS A 21 -6.11 -8.20 29.06
C LYS A 21 -6.95 -9.09 28.15
N GLY A 22 -6.68 -9.11 26.85
CA GLY A 22 -7.53 -9.88 25.96
C GLY A 22 -6.93 -9.83 24.58
N TRP A 23 -7.43 -10.74 23.71
CA TRP A 23 -6.78 -10.95 22.42
C TRP A 23 -7.02 -9.79 21.45
N GLN A 24 -8.12 -9.05 21.60
CA GLN A 24 -8.30 -7.89 20.72
C GLN A 24 -7.19 -6.90 20.94
N GLN A 25 -6.98 -6.54 22.21
CA GLN A 25 -5.91 -5.62 22.56
C GLN A 25 -4.54 -6.18 22.15
N GLU A 26 -4.29 -7.45 22.47
CA GLU A 26 -2.99 -8.06 22.14
C GLU A 26 -2.75 -8.07 20.64
N THR A 27 -3.77 -8.38 19.85
CA THR A 27 -3.56 -8.41 18.40
C THR A 27 -3.18 -7.02 17.88
N ILE A 28 -3.84 -5.98 18.37
CA ILE A 28 -3.52 -4.64 17.88
C ILE A 28 -2.12 -4.24 18.30
N LEU A 29 -1.73 -4.54 19.56
CA LEU A 29 -0.37 -4.31 20.02
C LEU A 29 0.65 -4.95 19.08
N ARG A 30 0.40 -6.22 18.71
CA ARG A 30 1.32 -6.93 17.84
C ARG A 30 1.36 -6.33 16.43
N LEU A 31 0.21 -5.87 15.92
CA LEU A 31 0.20 -5.16 14.63
C LEU A 31 1.06 -3.90 14.69
N LEU A 32 0.87 -3.08 15.74
CA LEU A 32 1.71 -1.90 15.90
C LEU A 32 3.19 -2.28 15.95
N GLU A 33 3.52 -3.35 16.72
CA GLU A 33 4.92 -3.78 16.82
C GLU A 33 5.39 -4.31 15.49
N ASN A 34 4.51 -5.02 14.77
CA ASN A 34 4.87 -5.59 13.47
C ASN A 34 5.20 -4.49 12.46
N ASN A 35 4.45 -3.38 12.48
CA ASN A 35 4.75 -2.24 11.59
C ASN A 35 6.19 -1.78 11.75
N ILE A 36 6.62 -1.58 12.99
CA ILE A 36 7.97 -1.10 13.23
C ILE A 36 8.99 -2.20 12.91
N GLU A 37 8.69 -3.46 13.24
CA GLU A 37 9.62 -4.53 12.86
C GLU A 37 9.91 -4.50 11.37
N ASN A 38 8.90 -4.27 10.52
CA ASN A 38 9.12 -4.31 9.07
C ASN A 38 9.41 -2.94 8.47
N GLY A 39 9.61 -1.90 9.28
CA GLY A 39 9.70 -0.56 8.74
C GLY A 39 11.03 -0.28 8.06
N GLU A 40 11.01 0.67 7.11
CA GLU A 40 12.23 1.04 6.41
C GLU A 40 13.25 1.76 7.29
N ARG A 41 12.81 2.52 8.31
CA ARG A 41 13.71 3.19 9.27
C ARG A 41 13.10 3.06 10.67
N PRO A 42 13.09 1.85 11.22
CA PRO A 42 12.32 1.59 12.45
C PRO A 42 12.81 2.37 13.67
N GLU A 43 14.09 2.72 13.75
CA GLU A 43 14.51 3.53 14.90
C GLU A 43 13.99 4.97 14.85
N ASP A 44 13.50 5.46 13.71
CA ASP A 44 12.79 6.73 13.66
C ASP A 44 11.29 6.55 13.61
N LEU A 45 10.79 5.34 13.86
CA LEU A 45 9.38 4.99 13.69
C LEU A 45 8.90 5.11 12.24
N VAL A 46 9.79 5.23 11.27
CA VAL A 46 9.40 5.39 9.89
C VAL A 46 9.14 4.03 9.27
N ILE A 47 7.94 3.84 8.70
CA ILE A 47 7.54 2.57 8.17
C ILE A 47 7.81 2.48 6.70
N TYR A 48 7.35 3.46 5.93
CA TYR A 48 7.67 3.50 4.51
C TYR A 48 7.45 4.94 4.03
N MET A 49 7.61 5.14 2.69
CA MET A 49 7.62 6.41 1.98
C MET A 49 8.32 7.51 2.79
N ASN A 50 9.46 7.15 3.37
CA ASN A 50 10.48 8.09 3.84
C ASN A 50 10.14 8.69 5.19
N ALA A 51 8.86 9.00 5.42
CA ALA A 51 8.49 9.70 6.64
C ALA A 51 7.15 9.26 7.20
N ALA A 52 6.49 8.21 6.69
CA ALA A 52 5.21 7.80 7.24
C ALA A 52 5.46 7.01 8.51
N LYS A 53 4.91 7.46 9.62
CA LYS A 53 5.31 6.98 10.94
C LYS A 53 4.20 6.21 11.65
N ALA A 54 4.61 5.30 12.52
CA ALA A 54 3.69 4.53 13.35
C ALA A 54 3.14 5.28 14.57
N ALA A 55 3.82 6.33 15.02
CA ALA A 55 3.48 7.08 16.21
C ALA A 55 4.17 8.43 16.08
N ARG A 56 3.67 9.44 16.80
CA ARG A 56 4.28 10.75 16.64
C ARG A 56 5.75 10.76 17.08
N ASP A 57 6.10 9.98 18.10
CA ASP A 57 7.46 9.89 18.62
C ASP A 57 7.44 8.75 19.63
N TRP A 58 8.63 8.47 20.20
CA TRP A 58 8.79 7.29 21.04
C TRP A 58 8.06 7.42 22.37
N ASP A 59 7.93 8.63 22.92
CA ASP A 59 7.12 8.77 24.12
C ASP A 59 5.68 8.43 23.82
N CYS A 60 5.15 8.94 22.68
CA CYS A 60 3.80 8.57 22.27
C CYS A 60 3.66 7.07 22.08
N PHE A 61 4.65 6.45 21.44
CA PHE A 61 4.62 5.00 21.25
C PHE A 61 4.56 4.29 22.59
N ASP A 62 5.33 4.74 23.59
CA ASP A 62 5.38 4.00 24.85
C ASP A 62 4.03 4.07 25.57
N ALA A 63 3.40 5.26 25.53
CA ALA A 63 2.05 5.43 26.09
C ALA A 63 1.01 4.58 25.37
N ILE A 64 1.07 4.49 24.02
CA ILE A 64 0.13 3.64 23.32
C ILE A 64 0.26 2.20 23.79
N VAL A 65 1.51 1.73 23.93
CA VAL A 65 1.75 0.35 24.34
C VAL A 65 1.18 0.10 25.73
N ARG A 66 1.47 1.01 26.69
CA ARG A 66 0.96 0.86 28.05
C ARG A 66 -0.56 0.79 28.06
N THR A 67 -1.21 1.64 27.24
CA THR A 67 -2.67 1.68 27.24
C THR A 67 -3.25 0.42 26.63
N LEU A 68 -2.63 -0.10 25.57
CA LEU A 68 -3.12 -1.36 25.01
C LEU A 68 -3.01 -2.49 26.03
N LYS A 69 -1.99 -2.44 26.91
CA LYS A 69 -1.82 -3.54 27.86
C LYS A 69 -2.80 -3.45 29.03
N THR A 70 -3.38 -2.28 29.30
CA THR A 70 -4.26 -2.12 30.44
C THR A 70 -5.74 -1.82 30.09
N MET A 71 -6.04 -1.50 28.83
CA MET A 71 -7.43 -1.18 28.50
C MET A 71 -8.32 -2.42 28.55
N GLU A 72 -9.57 -2.20 28.92
CA GLU A 72 -10.60 -3.24 28.97
C GLU A 72 -11.24 -3.47 27.60
N ALA A 73 -11.96 -4.58 27.48
CA ALA A 73 -12.60 -4.91 26.21
C ALA A 73 -13.82 -4.04 25.91
N ASP A 74 -14.20 -3.12 26.80
CA ASP A 74 -15.29 -2.22 26.46
C ASP A 74 -14.81 -0.77 26.53
N GLU A 75 -13.52 -0.57 26.28
CA GLU A 75 -12.92 0.75 26.27
C GLU A 75 -12.37 0.99 24.87
N THR A 76 -12.17 2.26 24.55
CA THR A 76 -11.71 2.67 23.24
C THR A 76 -10.56 3.66 23.41
N LEU A 77 -9.40 3.32 22.88
CA LEU A 77 -8.29 4.27 22.87
C LEU A 77 -8.42 5.21 21.65
N VAL A 78 -8.18 6.50 21.87
CA VAL A 78 -8.29 7.54 20.86
C VAL A 78 -6.88 8.07 20.56
N VAL A 79 -6.44 7.97 19.31
CA VAL A 79 -5.13 8.44 18.89
C VAL A 79 -5.29 9.59 17.90
N GLN A 80 -4.50 10.66 18.09
CA GLN A 80 -4.57 11.85 17.26
C GLN A 80 -3.20 12.07 16.63
N SER A 81 -3.10 11.95 15.30
CA SER A 81 -1.81 12.04 14.59
C SER A 81 -0.68 11.36 15.35
N GLY A 82 -0.90 10.07 15.70
CA GLY A 82 0.13 9.28 16.32
C GLY A 82 0.31 9.46 17.81
N LYS A 83 -0.58 10.20 18.47
CA LYS A 83 -0.44 10.53 19.87
C LYS A 83 -1.67 10.02 20.62
N PRO A 84 -1.51 9.17 21.63
CA PRO A 84 -2.68 8.77 22.43
C PRO A 84 -3.20 9.96 23.22
N VAL A 85 -4.52 10.20 23.15
CA VAL A 85 -5.04 11.42 23.77
C VAL A 85 -6.22 11.17 24.69
N GLY A 86 -6.81 9.97 24.67
CA GLY A 86 -7.88 9.71 25.61
C GLY A 86 -8.28 8.26 25.54
N LEU A 87 -8.87 7.81 26.64
CA LEU A 87 -9.36 6.44 26.80
C LEU A 87 -10.79 6.56 27.31
N PHE A 88 -11.76 6.08 26.51
CA PHE A 88 -13.18 6.24 26.81
C PHE A 88 -13.85 4.90 27.06
N ARG A 89 -14.81 4.88 27.98
CA ARG A 89 -15.67 3.72 28.15
C ARG A 89 -16.74 3.79 27.07
N THR A 90 -16.79 2.77 26.23
CA THR A 90 -17.78 2.70 25.16
C THR A 90 -18.56 1.39 25.36
N HIS A 91 -18.39 0.42 24.48
CA HIS A 91 -19.06 -0.86 24.69
C HIS A 91 -18.33 -1.93 23.90
N ALA A 92 -18.73 -3.18 24.16
CA ALA A 92 -18.02 -4.33 23.62
C ALA A 92 -18.04 -4.35 22.12
N PHE A 93 -19.10 -3.80 21.51
CA PHE A 93 -19.20 -3.85 20.06
C PHE A 93 -18.59 -2.63 19.37
N ALA A 94 -18.08 -1.65 20.11
CA ALA A 94 -17.34 -0.55 19.53
C ALA A 94 -15.93 -0.99 19.17
N PRO A 95 -15.22 -0.16 18.37
CA PRO A 95 -13.80 -0.40 18.13
C PRO A 95 -12.99 -0.21 19.42
N ARG A 96 -11.81 -0.86 19.46
CA ARG A 96 -10.87 -0.66 20.56
C ARG A 96 -9.97 0.55 20.34
N VAL A 97 -9.77 0.99 19.10
CA VAL A 97 -8.90 2.11 18.80
C VAL A 97 -9.51 2.91 17.66
N LEU A 98 -9.62 4.23 17.87
CA LEU A 98 -9.99 5.21 16.86
C LEU A 98 -8.77 6.10 16.59
N LEU A 99 -8.42 6.27 15.32
CA LEU A 99 -7.27 7.10 14.95
C LEU A 99 -7.66 8.09 13.87
N ALA A 100 -7.19 9.32 14.00
CA ALA A 100 -7.25 10.32 12.93
C ALA A 100 -5.85 10.91 12.81
N ASN A 101 -5.18 10.66 11.69
CA ASN A 101 -3.77 11.00 11.54
C ASN A 101 -3.62 11.86 10.29
N GLY A 102 -2.90 12.98 10.41
CA GLY A 102 -2.44 13.70 9.23
C GLY A 102 -3.46 14.64 8.59
N ASN A 103 -4.63 14.81 9.19
CA ASN A 103 -5.71 15.61 8.61
C ASN A 103 -5.52 17.08 8.98
N VAL A 104 -5.59 17.94 7.98
CA VAL A 104 -5.45 19.39 8.14
C VAL A 104 -6.47 20.03 7.23
N ALA A 105 -7.18 21.05 7.72
CA ALA A 105 -8.17 21.73 6.86
C ALA A 105 -7.50 22.16 5.56
N GLY A 106 -8.23 22.02 4.43
CA GLY A 106 -7.58 21.95 3.13
C GLY A 106 -6.86 23.21 2.73
N ARG A 107 -7.41 24.38 3.08
CA ARG A 107 -6.78 25.63 2.68
C ARG A 107 -5.35 25.74 3.22
N TRP A 108 -5.02 25.08 4.35
CA TRP A 108 -3.69 25.17 4.95
C TRP A 108 -2.92 23.87 4.83
N ALA A 109 -3.37 22.95 3.96
CA ALA A 109 -2.78 21.63 3.85
C ALA A 109 -1.88 21.52 2.62
N GLY A 110 -1.40 22.65 2.09
CA GLY A 110 -0.40 22.59 1.04
C GLY A 110 0.92 21.97 1.49
N ASP A 111 1.72 21.63 0.50
CA ASP A 111 2.97 20.89 0.72
C ASP A 111 3.88 21.65 1.70
N ALA A 112 4.10 22.94 1.45
CA ALA A 112 4.98 23.71 2.32
C ALA A 112 4.42 23.79 3.75
N ASN A 113 3.13 24.07 3.91
CA ASN A 113 2.66 24.18 5.30
C ASN A 113 2.61 22.82 6.00
N MET A 114 2.30 21.74 5.25
CA MET A 114 2.33 20.39 5.84
C MET A 114 3.73 20.07 6.39
N PHE A 115 4.76 20.42 5.62
CA PHE A 115 6.14 20.21 6.06
C PHE A 115 6.43 20.99 7.35
N GLU A 116 6.01 22.26 7.44
CA GLU A 116 6.18 23.06 8.65
C GLU A 116 5.46 22.47 9.85
N LEU A 117 4.22 22.03 9.65
CA LEU A 117 3.42 21.49 10.76
C LEU A 117 4.02 20.21 11.28
N GLU A 118 4.49 19.34 10.38
CA GLU A 118 5.18 18.13 10.80
C GLU A 118 6.47 18.47 11.55
N LYS A 119 7.24 19.42 11.03
CA LYS A 119 8.49 19.82 11.71
C LYS A 119 8.24 20.38 13.12
N ARG A 120 7.09 21.02 13.36
CA ARG A 120 6.78 21.50 14.71
C ARG A 120 6.09 20.46 15.56
N GLY A 121 5.93 19.22 15.10
CA GLY A 121 5.31 18.23 15.94
C GLY A 121 3.79 18.28 16.04
N LEU A 122 3.13 19.03 15.18
CA LEU A 122 1.68 19.17 15.22
C LEU A 122 0.94 18.09 14.41
N THR A 123 1.64 17.38 13.52
CA THR A 123 1.00 16.39 12.66
C THR A 123 2.08 15.40 12.27
N ILE A 124 1.66 14.31 11.65
CA ILE A 124 2.57 13.33 11.08
C ILE A 124 2.09 13.04 9.67
N LEU A 125 3.01 12.63 8.83
CA LEU A 125 2.70 11.97 7.58
C LEU A 125 2.21 10.57 7.90
N PRO A 126 0.98 10.23 7.59
CA PRO A 126 0.45 8.96 8.07
C PRO A 126 0.54 7.81 7.07
N GLY A 127 0.83 8.12 5.80
CA GLY A 127 0.71 7.05 4.84
C GLY A 127 -0.73 6.54 4.89
N MET A 128 -0.91 5.33 4.39
CA MET A 128 -2.18 4.63 4.58
C MET A 128 -2.10 3.63 5.72
N THR A 129 -1.16 2.67 5.68
CA THR A 129 -1.10 1.63 6.70
C THR A 129 -0.01 1.87 7.75
N ALA A 130 0.79 2.93 7.61
CA ALA A 130 1.87 3.17 8.54
C ALA A 130 1.34 3.56 9.91
N ALA A 131 0.48 4.59 9.97
CA ALA A 131 0.04 5.15 11.25
C ALA A 131 -1.20 4.46 11.82
N CYS A 132 -1.79 3.49 11.14
CA CYS A 132 -2.83 2.75 11.83
C CYS A 132 -2.54 1.25 11.81
N TRP A 133 -1.30 0.86 11.56
CA TRP A 133 -0.75 -0.44 12.01
C TRP A 133 -1.30 -1.62 11.20
N GLN A 134 -1.19 -1.49 9.87
CA GLN A 134 -1.76 -2.44 8.92
C GLN A 134 -0.71 -2.86 7.88
N TYR A 135 0.56 -2.57 8.11
CA TYR A 135 1.63 -2.81 7.16
C TYR A 135 2.15 -4.25 7.29
N ILE A 136 2.47 -4.87 6.15
CA ILE A 136 2.96 -6.24 6.21
C ILE A 136 4.21 -6.29 5.34
N GLY A 137 5.02 -5.22 5.37
CA GLY A 137 6.22 -5.26 4.57
C GLY A 137 5.86 -5.12 3.11
N SER A 138 6.83 -5.47 2.22
CA SER A 138 6.66 -5.29 0.78
C SER A 138 5.54 -6.17 0.18
N GLN A 139 5.10 -7.20 0.89
CA GLN A 139 4.01 -8.01 0.40
C GLN A 139 2.71 -7.20 0.22
N GLY A 140 2.50 -6.13 0.99
CA GLY A 140 1.19 -5.49 0.99
C GLY A 140 0.79 -4.97 -0.38
N ILE A 141 1.77 -4.51 -1.15
CA ILE A 141 1.52 -3.96 -2.47
C ILE A 141 1.81 -4.94 -3.64
N VAL A 142 2.40 -6.11 -3.38
CA VAL A 142 2.97 -6.85 -4.51
C VAL A 142 1.86 -7.47 -5.40
N GLN A 143 0.71 -7.84 -4.84
CA GLN A 143 -0.35 -8.37 -5.71
C GLN A 143 -0.86 -7.30 -6.66
N GLY A 144 -1.03 -6.08 -6.17
CA GLY A 144 -1.50 -5.03 -7.06
C GLY A 144 -0.48 -4.66 -8.11
N THR A 145 0.80 -4.66 -7.75
CA THR A 145 1.85 -4.40 -8.76
C THR A 145 1.93 -5.54 -9.79
N TYR A 146 1.80 -6.77 -9.32
CA TYR A 146 1.74 -7.93 -10.19
C TYR A 146 0.53 -7.88 -11.11
N GLN A 147 -0.65 -7.66 -10.52
CA GLN A 147 -1.87 -7.53 -11.32
C GLN A 147 -1.75 -6.45 -12.38
N SER A 148 -1.10 -5.33 -12.05
CA SER A 148 -0.93 -4.27 -13.03
C SER A 148 -0.10 -4.75 -14.21
N PHE A 149 1.00 -5.49 -13.94
CA PHE A 149 1.86 -5.96 -15.05
C PHE A 149 1.12 -7.00 -15.90
N VAL A 150 0.41 -7.94 -15.26
CA VAL A 150 -0.38 -8.94 -15.98
C VAL A 150 -1.44 -8.27 -16.85
N SER A 151 -2.10 -7.24 -16.34
CA SER A 151 -3.13 -6.57 -17.13
C SER A 151 -2.51 -5.77 -18.26
N ALA A 152 -1.37 -5.12 -17.99
CA ALA A 152 -0.63 -4.53 -19.11
C ALA A 152 -0.31 -5.58 -20.18
N ALA A 153 0.13 -6.76 -19.75
CA ALA A 153 0.49 -7.79 -20.73
C ALA A 153 -0.73 -8.23 -21.52
N GLU A 154 -1.90 -8.33 -20.86
CA GLU A 154 -3.10 -8.78 -21.55
C GLU A 154 -3.57 -7.72 -22.56
N GLN A 155 -3.52 -6.43 -22.18
CA GLN A 155 -4.04 -5.35 -22.99
C GLN A 155 -3.09 -4.96 -24.13
N TYR A 156 -1.77 -5.04 -23.95
CA TYR A 156 -0.88 -4.47 -24.97
C TYR A 156 0.14 -5.45 -25.53
N PHE A 157 0.29 -6.64 -24.96
CA PHE A 157 1.38 -7.52 -25.35
C PHE A 157 0.91 -8.95 -25.57
N GLY A 158 -0.35 -9.12 -25.96
CA GLY A 158 -0.81 -10.44 -26.33
C GLY A 158 -0.89 -11.41 -25.19
N GLY A 159 -0.89 -10.93 -23.94
CA GLY A 159 -1.04 -11.80 -22.79
C GLY A 159 0.23 -12.43 -22.29
N SER A 160 1.40 -11.90 -22.64
CA SER A 160 2.64 -12.49 -22.18
C SER A 160 3.74 -11.45 -22.09
N LEU A 161 4.52 -11.50 -21.00
CA LEU A 161 5.69 -10.65 -20.91
C LEU A 161 7.02 -11.41 -21.19
N ALA A 162 6.96 -12.69 -21.53
CA ALA A 162 8.16 -13.42 -21.93
C ALA A 162 8.91 -12.65 -23.01
N GLY A 163 10.20 -12.41 -22.78
CA GLY A 163 10.97 -11.67 -23.76
C GLY A 163 10.82 -10.17 -23.67
N ARG A 164 9.97 -9.67 -22.77
CA ARG A 164 9.71 -8.23 -22.62
C ARG A 164 10.46 -7.65 -21.42
N ILE A 165 10.73 -6.35 -21.49
CA ILE A 165 11.53 -5.63 -20.54
C ILE A 165 10.63 -4.58 -19.85
N ILE A 166 10.58 -4.64 -18.53
CA ILE A 166 10.03 -3.58 -17.68
C ILE A 166 11.19 -2.79 -17.08
N LEU A 167 11.20 -1.48 -17.28
CA LEU A 167 12.10 -0.56 -16.60
C LEU A 167 11.34 0.26 -15.55
N THR A 168 11.85 0.29 -14.32
CA THR A 168 11.26 1.15 -13.31
C THR A 168 12.34 1.71 -12.37
N ALA A 169 11.93 2.59 -11.44
CA ALA A 169 12.82 3.14 -10.43
C ALA A 169 12.14 3.03 -9.06
N GLY A 170 12.95 2.99 -7.99
CA GLY A 170 12.34 2.99 -6.68
C GLY A 170 12.23 1.62 -6.06
N ALA A 171 13.18 1.33 -5.16
CA ALA A 171 13.29 0.04 -4.51
C ALA A 171 13.16 0.26 -3.00
N GLY A 172 12.20 1.06 -2.59
CA GLY A 172 11.95 1.32 -1.18
C GLY A 172 11.05 0.25 -0.59
N GLY A 173 10.47 0.57 0.56
CA GLY A 173 9.59 -0.40 1.20
C GLY A 173 8.46 -0.86 0.27
N MET A 174 7.88 0.08 -0.47
CA MET A 174 6.82 -0.29 -1.39
C MET A 174 7.32 -0.50 -2.82
N GLY A 175 8.15 0.41 -3.35
CA GLY A 175 8.70 0.18 -4.69
C GLY A 175 9.51 -1.11 -4.79
N GLY A 176 10.00 -1.62 -3.66
CA GLY A 176 10.77 -2.86 -3.67
C GLY A 176 10.00 -4.04 -4.22
N ALA A 177 8.65 -3.99 -4.21
CA ALA A 177 7.91 -5.10 -4.77
C ALA A 177 7.91 -5.10 -6.32
N GLN A 178 8.26 -3.99 -6.98
CA GLN A 178 8.24 -4.00 -8.44
C GLN A 178 9.12 -5.10 -9.04
N PRO A 179 10.39 -5.26 -8.64
CA PRO A 179 11.23 -6.29 -9.28
C PRO A 179 10.63 -7.70 -9.19
N LEU A 180 10.05 -8.06 -8.05
CA LEU A 180 9.43 -9.36 -7.89
C LEU A 180 8.14 -9.46 -8.68
N ALA A 181 7.26 -8.45 -8.58
CA ALA A 181 6.07 -8.41 -9.41
C ALA A 181 6.41 -8.65 -10.89
N GLY A 182 7.43 -7.93 -11.40
CA GLY A 182 7.78 -8.05 -12.79
C GLY A 182 8.31 -9.42 -13.15
N LYS A 183 9.14 -9.99 -12.27
CA LYS A 183 9.64 -11.36 -12.46
C LYS A 183 8.49 -12.35 -12.47
N MET A 184 7.64 -12.31 -11.46
CA MET A 184 6.50 -13.23 -11.45
C MET A 184 5.68 -13.17 -12.74
N ALA A 185 5.59 -12.01 -13.39
CA ALA A 185 4.76 -11.84 -14.57
C ALA A 185 5.50 -12.19 -15.84
N GLY A 186 6.77 -12.60 -15.75
CA GLY A 186 7.51 -13.14 -16.86
C GLY A 186 8.49 -12.20 -17.51
N ALA A 187 8.56 -10.96 -17.04
CA ALA A 187 9.36 -9.93 -17.67
C ALA A 187 10.80 -9.95 -17.15
N ALA A 188 11.70 -9.46 -18.00
CA ALA A 188 13.03 -9.06 -17.56
C ALA A 188 12.89 -7.68 -16.94
N THR A 189 12.99 -7.57 -15.62
CA THR A 189 12.65 -6.38 -14.87
C THR A 189 13.87 -5.67 -14.32
N LEU A 190 14.07 -4.40 -14.69
CA LEU A 190 15.22 -3.60 -14.28
C LEU A 190 14.75 -2.46 -13.36
N VAL A 191 15.21 -2.45 -12.11
CA VAL A 191 14.81 -1.42 -11.14
C VAL A 191 16.02 -0.56 -10.78
N VAL A 192 15.86 0.77 -10.92
CA VAL A 192 16.87 1.76 -10.53
C VAL A 192 16.58 2.34 -9.14
N ASP A 193 17.61 2.41 -8.31
CA ASP A 193 17.53 3.08 -7.04
C ASP A 193 18.85 3.75 -6.74
N VAL A 194 18.79 4.98 -6.24
CA VAL A 194 19.97 5.78 -5.95
C VAL A 194 20.71 5.28 -4.71
N ASP A 195 20.08 4.46 -3.88
CA ASP A 195 20.63 4.03 -2.61
C ASP A 195 20.96 2.54 -2.62
N PRO A 196 22.24 2.15 -2.65
CA PRO A 196 22.58 0.71 -2.60
C PRO A 196 21.97 -0.02 -1.41
N VAL A 197 21.72 0.67 -0.30
CA VAL A 197 21.09 0.00 0.84
C VAL A 197 19.69 -0.47 0.49
N SER A 198 18.95 0.32 -0.31
CA SER A 198 17.60 -0.09 -0.68
C SER A 198 17.64 -1.37 -1.51
N LEU A 199 18.54 -1.42 -2.52
CA LEU A 199 18.67 -2.63 -3.31
C LEU A 199 19.10 -3.82 -2.44
N GLU A 200 20.07 -3.62 -1.51
CA GLU A 200 20.48 -4.75 -0.70
C GLU A 200 19.32 -5.27 0.13
N ARG A 201 18.42 -4.39 0.58
CA ARG A 201 17.35 -4.89 1.43
C ARG A 201 16.35 -5.70 0.60
N ARG A 202 16.09 -5.30 -0.65
CA ARG A 202 15.26 -6.13 -1.52
C ARG A 202 15.98 -7.42 -1.83
N LEU A 203 17.28 -7.35 -2.11
CA LEU A 203 18.05 -8.56 -2.38
C LEU A 203 17.97 -9.55 -1.23
N ASN A 204 18.02 -9.06 0.03
CA ASN A 204 17.96 -9.95 1.19
C ASN A 204 16.56 -10.46 1.54
N THR A 205 15.48 -9.81 1.13
CA THR A 205 14.15 -10.33 1.48
C THR A 205 13.54 -11.15 0.35
N GLY A 206 14.29 -11.41 -0.74
CA GLY A 206 13.82 -12.14 -1.89
C GLY A 206 13.05 -11.36 -2.93
N TYR A 207 13.07 -10.03 -2.88
CA TYR A 207 12.29 -9.25 -3.82
C TYR A 207 13.08 -8.84 -5.06
N LEU A 208 14.41 -9.04 -5.05
CA LEU A 208 15.34 -8.68 -6.12
C LEU A 208 16.33 -9.84 -6.27
N ASP A 209 16.65 -10.22 -7.52
CA ASP A 209 17.55 -11.35 -7.78
C ASP A 209 19.02 -10.96 -7.77
N VAL A 210 19.35 -9.87 -8.44
CA VAL A 210 20.73 -9.51 -8.75
C VAL A 210 20.87 -8.01 -8.69
N ILE A 211 22.01 -7.55 -8.20
CA ILE A 211 22.38 -6.15 -8.23
C ILE A 211 23.47 -6.00 -9.27
N ALA A 212 23.25 -5.15 -10.26
CA ALA A 212 24.24 -4.92 -11.28
C ALA A 212 25.34 -4.01 -10.74
N THR A 213 26.48 -4.05 -11.39
CA THR A 213 27.63 -3.27 -10.98
C THR A 213 27.77 -2.00 -11.78
N SER A 214 26.96 -1.82 -12.81
CA SER A 214 27.02 -0.70 -13.71
C SER A 214 25.81 -0.80 -14.63
N VAL A 215 25.55 0.28 -15.38
CA VAL A 215 24.51 0.25 -16.41
C VAL A 215 24.80 -0.81 -17.48
N ASP A 216 26.01 -0.79 -18.05
CA ASP A 216 26.42 -1.81 -19.03
C ASP A 216 26.17 -3.24 -18.53
N ASP A 217 26.56 -3.54 -17.28
CA ASP A 217 26.29 -4.85 -16.67
C ASP A 217 24.78 -5.14 -16.60
N ALA A 218 23.99 -4.16 -16.13
CA ALA A 218 22.55 -4.32 -16.06
C ALA A 218 21.95 -4.61 -17.43
N LEU A 219 22.30 -3.79 -18.42
CA LEU A 219 21.91 -4.01 -19.80
C LEU A 219 22.16 -5.46 -20.25
N ALA A 220 23.38 -5.96 -20.01
CA ALA A 220 23.72 -7.32 -20.40
C ALA A 220 22.84 -8.35 -19.70
N ARG A 221 22.61 -8.19 -18.40
CA ARG A 221 21.82 -9.19 -17.69
C ARG A 221 20.36 -9.14 -18.08
N ILE A 222 19.85 -7.95 -18.43
CA ILE A 222 18.45 -7.83 -18.83
C ILE A 222 18.26 -8.43 -20.22
N ARG A 223 19.20 -8.15 -21.15
CA ARG A 223 19.12 -8.73 -22.50
C ARG A 223 19.21 -10.25 -22.44
N THR A 224 20.01 -10.78 -21.54
CA THR A 224 20.06 -12.23 -21.41
C THR A 224 18.72 -12.78 -20.95
N LEU A 225 18.15 -12.25 -19.85
CA LEU A 225 16.81 -12.70 -19.41
C LEU A 225 15.77 -12.59 -20.53
N ALA A 226 15.76 -11.46 -21.25
CA ALA A 226 14.78 -11.31 -22.33
C ALA A 226 15.00 -12.35 -23.43
N ALA A 227 16.27 -12.58 -23.82
CA ALA A 227 16.55 -13.56 -24.86
C ALA A 227 16.19 -14.98 -24.42
N GLU A 228 16.46 -15.37 -23.18
CA GLU A 228 15.95 -16.67 -22.68
C GLU A 228 14.43 -16.70 -22.54
N ARG A 229 13.77 -15.56 -22.71
CA ARG A 229 12.36 -15.39 -22.37
C ARG A 229 12.04 -15.80 -20.93
N GLU A 230 12.92 -15.44 -19.98
CA GLU A 230 12.67 -15.75 -18.57
C GLU A 230 12.35 -14.48 -17.78
N GLY A 231 11.55 -14.65 -16.73
CA GLY A 231 11.36 -13.57 -15.77
C GLY A 231 12.55 -13.49 -14.84
N GLY A 232 13.01 -12.26 -14.60
CA GLY A 232 14.01 -12.03 -13.56
C GLY A 232 14.18 -10.55 -13.35
N SER A 233 14.87 -10.21 -12.27
CA SER A 233 15.01 -8.80 -11.94
C SER A 233 16.46 -8.45 -11.72
N VAL A 234 16.82 -7.23 -12.11
CA VAL A 234 18.15 -6.67 -11.96
C VAL A 234 18.01 -5.28 -11.33
N GLY A 235 18.88 -4.95 -10.36
CA GLY A 235 18.94 -3.60 -9.78
C GLY A 235 20.15 -2.82 -10.28
N ILE A 236 19.97 -1.51 -10.50
CA ILE A 236 21.08 -0.60 -10.76
C ILE A 236 21.14 0.44 -9.66
N VAL A 237 22.36 0.76 -9.20
CA VAL A 237 22.57 1.89 -8.29
C VAL A 237 22.83 3.14 -9.11
N GLY A 238 21.96 4.13 -8.94
CA GLY A 238 22.11 5.37 -9.66
C GLY A 238 20.83 6.17 -9.59
N ASN A 239 20.94 7.44 -9.97
CA ASN A 239 19.80 8.35 -9.96
C ASN A 239 18.97 8.09 -11.21
N ALA A 240 17.64 7.96 -11.03
CA ALA A 240 16.74 7.67 -12.14
C ALA A 240 16.91 8.66 -13.28
N ALA A 241 17.08 9.94 -12.95
CA ALA A 241 17.29 10.92 -14.00
C ALA A 241 18.49 10.55 -14.87
N ASP A 242 19.63 10.24 -14.24
CA ASP A 242 20.85 9.93 -15.00
C ASP A 242 20.75 8.55 -15.68
N VAL A 243 20.23 7.56 -14.96
CA VAL A 243 20.22 6.20 -15.48
C VAL A 243 19.21 6.05 -16.60
N PHE A 244 18.00 6.63 -16.46
CA PHE A 244 17.02 6.55 -17.55
C PHE A 244 17.58 7.21 -18.80
N GLU A 245 18.28 8.33 -18.65
CA GLU A 245 18.89 8.96 -19.82
C GLU A 245 19.95 8.03 -20.43
N ALA A 246 20.79 7.41 -19.59
CA ALA A 246 21.85 6.54 -20.10
C ALA A 246 21.25 5.32 -20.76
N LEU A 247 20.16 4.78 -20.20
CA LEU A 247 19.54 3.58 -20.74
C LEU A 247 18.96 3.88 -22.13
N HIS A 248 18.54 5.11 -22.36
CA HIS A 248 18.05 5.44 -23.69
C HIS A 248 19.19 5.58 -24.70
N ARG A 249 20.29 6.23 -24.31
CA ARG A 249 21.47 6.33 -25.18
C ARG A 249 21.98 4.96 -25.59
N LYS A 250 21.94 3.98 -24.69
CA LYS A 250 22.44 2.63 -24.86
C LYS A 250 21.38 1.69 -25.45
N GLU A 251 20.19 2.22 -25.72
CA GLU A 251 19.17 1.56 -26.51
C GLU A 251 18.53 0.35 -25.80
N LEU A 252 18.16 0.55 -24.53
CA LEU A 252 17.47 -0.53 -23.80
C LEU A 252 16.18 -0.96 -24.52
N ARG A 253 15.46 0.00 -25.11
CA ARG A 253 14.15 -0.23 -25.74
C ARG A 253 13.19 -1.02 -24.84
N PRO A 254 12.86 -0.49 -23.67
CA PRO A 254 11.96 -1.22 -22.79
C PRO A 254 10.56 -1.25 -23.40
N ASP A 255 9.81 -2.28 -23.03
CA ASP A 255 8.42 -2.38 -23.44
C ASP A 255 7.49 -1.63 -22.50
N ILE A 256 7.77 -1.66 -21.19
CA ILE A 256 7.03 -0.97 -20.14
C ILE A 256 7.99 -0.10 -19.37
N VAL A 257 7.55 1.10 -19.00
CA VAL A 257 8.32 1.97 -18.14
C VAL A 257 7.36 2.55 -17.11
N THR A 258 7.74 2.47 -15.84
CA THR A 258 6.98 3.08 -14.79
C THR A 258 7.97 3.60 -13.77
N ASP A 259 7.46 4.02 -12.61
CA ASP A 259 8.32 4.61 -11.59
C ASP A 259 7.61 4.51 -10.27
N GLN A 260 8.36 4.20 -9.22
CA GLN A 260 7.78 4.20 -7.89
C GLN A 260 8.78 4.71 -6.87
N CYS A 261 9.60 5.68 -7.26
CA CYS A 261 10.37 6.48 -6.31
C CYS A 261 9.48 7.25 -5.34
N MET A 262 10.07 7.69 -4.23
CA MET A 262 9.41 8.72 -3.45
C MET A 262 9.78 10.05 -4.11
N VAL A 263 8.84 10.70 -4.83
CA VAL A 263 9.20 11.94 -5.54
C VAL A 263 8.98 13.21 -4.71
N ASP A 264 8.59 13.10 -3.46
CA ASP A 264 8.36 14.29 -2.63
C ASP A 264 9.69 15.00 -2.37
N PRO A 265 9.87 16.24 -2.85
CA PRO A 265 11.18 16.90 -2.64
C PRO A 265 11.48 17.19 -1.18
N TYR A 266 10.48 17.27 -0.30
CA TYR A 266 10.79 17.49 1.12
C TYR A 266 11.17 16.21 1.83
N ARG A 267 10.77 15.04 1.27
CA ARG A 267 10.85 13.76 1.97
C ARG A 267 11.39 12.68 1.02
N GLY A 268 12.67 12.77 0.67
CA GLY A 268 13.34 11.60 0.13
C GLY A 268 13.58 11.57 -1.37
N TYR A 269 13.09 12.51 -2.18
CA TYR A 269 13.57 12.53 -3.56
C TYR A 269 14.99 13.08 -3.57
N VAL A 270 15.90 12.38 -4.23
CA VAL A 270 17.32 12.74 -4.24
C VAL A 270 17.64 13.50 -5.52
N PRO A 271 18.11 14.74 -5.44
CA PRO A 271 18.60 15.42 -6.64
C PRO A 271 19.79 14.69 -7.26
N SER A 272 19.95 14.88 -8.58
CA SER A 272 21.04 14.25 -9.34
C SER A 272 22.42 14.67 -8.80
N GLY A 273 23.23 13.69 -8.40
CA GLY A 273 24.55 13.95 -7.87
C GLY A 273 24.67 13.98 -6.35
N LEU A 274 23.56 13.90 -5.62
CA LEU A 274 23.60 13.84 -4.18
C LEU A 274 23.29 12.41 -3.76
N SER A 275 23.57 12.14 -2.50
CA SER A 275 23.15 10.91 -1.86
C SER A 275 21.89 11.17 -1.07
N PRO A 276 21.25 10.11 -0.58
CA PRO A 276 20.09 10.33 0.29
C PRO A 276 20.42 11.24 1.46
N ALA A 277 21.60 11.05 2.13
CA ALA A 277 21.94 11.84 3.30
C ALA A 277 22.22 13.29 2.94
N GLU A 278 22.95 13.55 1.87
CA GLU A 278 23.14 14.94 1.49
C GLU A 278 21.81 15.63 1.16
N ALA A 279 20.86 14.89 0.56
CA ALA A 279 19.59 15.51 0.23
C ALA A 279 18.79 15.84 1.50
N ALA A 280 18.71 14.90 2.45
CA ALA A 280 18.00 15.18 3.69
C ALA A 280 18.62 16.38 4.39
N GLN A 281 19.95 16.47 4.38
CA GLN A 281 20.64 17.58 5.02
C GLN A 281 20.36 18.87 4.29
N LEU A 282 20.27 18.84 2.95
CA LEU A 282 19.96 20.07 2.23
C LEU A 282 18.54 20.54 2.54
N VAL A 283 17.60 19.62 2.69
CA VAL A 283 16.24 20.02 3.05
C VAL A 283 16.27 20.74 4.40
N ARG A 284 17.09 20.24 5.33
CA ARG A 284 17.18 20.83 6.68
C ARG A 284 17.80 22.23 6.65
N THR A 285 18.93 22.39 5.95
CA THR A 285 19.64 23.67 5.99
C THR A 285 19.19 24.68 4.94
N ASP A 286 18.82 24.26 3.73
CA ASP A 286 18.51 25.20 2.64
C ASP A 286 17.37 24.64 1.78
N PRO A 287 16.16 24.61 2.31
CA PRO A 287 15.06 23.93 1.59
C PRO A 287 14.73 24.58 0.25
N GLU A 288 14.94 25.87 0.08
CA GLU A 288 14.69 26.45 -1.23
C GLU A 288 15.64 25.89 -2.28
N GLN A 289 16.92 25.65 -1.93
CA GLN A 289 17.80 25.04 -2.92
C GLN A 289 17.48 23.55 -3.10
N ALA A 290 17.16 22.83 -2.01
CA ALA A 290 16.74 21.45 -2.15
C ALA A 290 15.55 21.33 -3.10
N LEU A 291 14.59 22.24 -2.97
CA LEU A 291 13.42 22.20 -3.85
C LEU A 291 13.82 22.48 -5.29
N ALA A 292 14.66 23.49 -5.51
CA ALA A 292 15.05 23.79 -6.89
C ALA A 292 15.79 22.62 -7.51
N LEU A 293 16.74 22.02 -6.77
CA LEU A 293 17.52 20.89 -7.30
C LEU A 293 16.64 19.66 -7.55
N ALA A 294 15.74 19.35 -6.61
CA ALA A 294 14.86 18.21 -6.79
C ALA A 294 13.93 18.40 -8.00
N ALA A 295 13.42 19.62 -8.22
CA ALA A 295 12.55 19.82 -9.38
C ALA A 295 13.30 19.66 -10.70
N ALA A 296 14.54 20.15 -10.76
CA ALA A 296 15.35 19.99 -11.98
C ALA A 296 15.64 18.51 -12.26
N THR A 297 15.97 17.73 -11.24
CA THR A 297 16.13 16.30 -11.43
C THR A 297 14.81 15.66 -11.84
N LEU A 298 13.70 16.03 -11.19
CA LEU A 298 12.42 15.38 -11.52
C LEU A 298 12.01 15.70 -12.95
N ALA A 299 12.29 16.93 -13.40
CA ALA A 299 11.94 17.27 -14.77
C ALA A 299 12.64 16.34 -15.76
N ARG A 300 13.95 16.12 -15.57
CA ARG A 300 14.71 15.22 -16.43
C ARG A 300 14.17 13.80 -16.32
N HIS A 301 13.91 13.37 -15.09
CA HIS A 301 13.35 12.05 -14.84
C HIS A 301 12.06 11.84 -15.66
N ALA A 302 11.15 12.82 -15.60
CA ALA A 302 9.90 12.70 -16.34
C ALA A 302 10.15 12.80 -17.86
N ARG A 303 11.05 13.68 -18.30
CA ARG A 303 11.36 13.76 -19.72
C ARG A 303 11.97 12.45 -20.23
N ALA A 304 12.76 11.75 -19.40
CA ALA A 304 13.31 10.48 -19.85
C ALA A 304 12.21 9.44 -20.06
N MET A 305 11.22 9.38 -19.15
CA MET A 305 10.09 8.49 -19.35
C MET A 305 9.31 8.84 -20.62
N LEU A 306 9.08 10.13 -20.86
CA LEU A 306 8.36 10.53 -22.06
C LEU A 306 9.15 10.20 -23.33
N ARG A 307 10.49 10.28 -23.28
CA ARG A 307 11.28 9.88 -24.43
C ARG A 307 11.10 8.39 -24.72
N PHE A 308 11.09 7.54 -23.70
CA PHE A 308 10.77 6.14 -23.93
C PHE A 308 9.37 6.01 -24.51
N ARG A 309 8.43 6.81 -24.03
CA ARG A 309 7.06 6.68 -24.52
C ARG A 309 6.97 7.00 -26.02
N ASP A 310 7.75 7.96 -26.49
CA ASP A 310 7.77 8.31 -27.92
C ASP A 310 8.43 7.24 -28.78
N ASP A 311 9.32 6.42 -28.24
CA ASP A 311 9.81 5.25 -28.99
C ASP A 311 8.84 4.08 -29.00
N GLY A 312 7.80 4.10 -28.18
CA GLY A 312 6.85 3.00 -28.29
C GLY A 312 6.61 2.22 -27.01
N ALA A 313 7.19 2.64 -25.89
CA ALA A 313 6.94 1.96 -24.63
C ALA A 313 5.58 2.35 -24.08
N VAL A 314 4.97 1.40 -23.37
CA VAL A 314 3.83 1.64 -22.50
C VAL A 314 4.34 2.23 -21.19
N VAL A 315 4.08 3.51 -20.98
CA VAL A 315 4.54 4.28 -19.84
C VAL A 315 3.32 4.65 -19.00
N PHE A 316 3.32 4.29 -17.72
CA PHE A 316 2.22 4.75 -16.88
C PHE A 316 2.78 5.14 -15.51
N GLU A 317 2.01 5.97 -14.82
CA GLU A 317 2.29 6.30 -13.43
C GLU A 317 1.89 5.13 -12.53
N TYR A 318 2.68 4.91 -11.48
CA TYR A 318 2.32 3.86 -10.52
C TYR A 318 2.14 4.50 -9.14
N GLY A 319 1.28 5.52 -9.05
CA GLY A 319 0.73 5.87 -7.77
C GLY A 319 1.62 6.64 -6.84
N ASN A 320 2.65 7.31 -7.34
CA ASN A 320 3.60 8.03 -6.50
C ASN A 320 3.55 9.54 -6.77
N THR A 321 2.52 10.03 -7.47
CA THR A 321 2.34 11.46 -7.76
C THR A 321 3.35 12.00 -8.74
N LEU A 322 4.05 11.16 -9.49
CA LEU A 322 5.08 11.66 -10.39
C LEU A 322 4.52 12.64 -11.42
N ARG A 323 3.31 12.40 -11.93
CA ARG A 323 2.79 13.24 -13.01
C ARG A 323 2.56 14.67 -12.51
N ALA A 324 1.84 14.81 -11.39
CA ALA A 324 1.48 16.14 -10.92
C ALA A 324 2.73 16.91 -10.48
N ARG A 325 3.66 16.24 -9.82
CA ARG A 325 4.87 16.94 -9.41
C ARG A 325 5.75 17.27 -10.61
N SER A 326 5.76 16.42 -11.63
CA SER A 326 6.49 16.75 -12.85
C SER A 326 5.88 17.95 -13.56
N VAL A 327 4.54 18.03 -13.62
CA VAL A 327 3.91 19.19 -14.23
C VAL A 327 4.31 20.45 -13.46
N ALA A 328 4.41 20.33 -12.13
CA ALA A 328 4.79 21.50 -11.32
C ALA A 328 6.24 21.88 -11.53
N ALA A 329 7.10 20.88 -11.82
CA ALA A 329 8.50 21.12 -12.12
C ALA A 329 8.72 21.57 -13.56
N GLY A 330 7.64 21.77 -14.33
CA GLY A 330 7.76 22.34 -15.66
C GLY A 330 7.66 21.36 -16.80
N VAL A 331 7.17 20.14 -16.57
CA VAL A 331 6.98 19.20 -17.67
C VAL A 331 5.47 19.01 -17.91
N PRO A 332 4.82 19.92 -18.64
CA PRO A 332 3.36 19.80 -18.80
C PRO A 332 2.95 18.52 -19.50
N GLU A 333 3.75 18.01 -20.43
CA GLU A 333 3.36 16.78 -21.11
C GLU A 333 3.29 15.60 -20.14
N ALA A 334 3.98 15.65 -18.98
CA ALA A 334 3.87 14.54 -18.06
C ALA A 334 2.45 14.39 -17.54
N GLY A 335 1.65 15.45 -17.59
CA GLY A 335 0.26 15.35 -17.20
C GLY A 335 -0.60 14.48 -18.11
N GLU A 336 -0.10 14.13 -19.30
CA GLU A 336 -0.86 13.35 -20.27
C GLU A 336 -0.62 11.86 -20.14
N LEU A 337 0.23 11.42 -19.20
CA LEU A 337 0.51 10.01 -19.01
C LEU A 337 -0.66 9.31 -18.35
N PRO A 338 -0.95 8.05 -18.72
CA PRO A 338 -2.01 7.31 -18.06
C PRO A 338 -1.51 6.81 -16.70
N SER A 339 -2.41 6.17 -15.97
CA SER A 339 -2.13 5.72 -14.62
C SER A 339 -2.52 4.24 -14.48
N PHE A 340 -1.85 3.52 -13.59
CA PHE A 340 -2.23 2.12 -13.38
C PHE A 340 -3.70 1.99 -12.95
N VAL A 341 -4.25 3.00 -12.27
CA VAL A 341 -5.61 2.86 -11.76
C VAL A 341 -6.60 2.83 -12.91
N THR A 342 -6.48 3.81 -13.82
CA THR A 342 -7.47 3.93 -14.88
C THR A 342 -7.23 2.89 -15.95
N LEU A 343 -5.98 2.41 -16.14
CA LEU A 343 -5.75 1.33 -17.10
C LEU A 343 -6.12 -0.05 -16.54
N PHE A 344 -5.86 -0.32 -15.25
CA PHE A 344 -5.91 -1.72 -14.79
C PHE A 344 -6.76 -2.01 -13.55
N ILE A 345 -6.93 -1.06 -12.65
CA ILE A 345 -7.49 -1.36 -11.34
C ILE A 345 -8.96 -0.98 -11.25
N ARG A 346 -9.36 0.12 -11.85
CA ARG A 346 -10.73 0.57 -11.69
C ARG A 346 -11.77 -0.54 -11.96
N PRO A 347 -11.66 -1.39 -13.00
CA PRO A 347 -12.72 -2.40 -13.16
C PRO A 347 -12.75 -3.41 -12.02
N LEU A 348 -11.66 -3.55 -11.26
CA LEU A 348 -11.71 -4.39 -10.07
C LEU A 348 -12.46 -3.68 -8.95
N PHE A 349 -12.24 -2.36 -8.80
CA PHE A 349 -12.96 -1.63 -7.77
C PHE A 349 -14.45 -1.65 -8.03
N CYS A 350 -14.87 -1.69 -9.29
CA CYS A 350 -16.30 -1.75 -9.59
C CYS A 350 -16.94 -3.02 -9.06
N ARG A 351 -16.14 -4.05 -8.79
CA ARG A 351 -16.63 -5.27 -8.17
C ARG A 351 -16.29 -5.32 -6.67
N GLY A 352 -15.75 -4.24 -6.11
CA GLY A 352 -15.34 -4.25 -4.72
C GLY A 352 -14.07 -5.06 -4.45
N ILE A 353 -13.30 -5.37 -5.48
CA ILE A 353 -12.10 -6.16 -5.33
C ILE A 353 -10.96 -5.22 -4.98
N GLY A 354 -10.29 -5.49 -3.86
CA GLY A 354 -9.24 -4.59 -3.42
C GLY A 354 -8.22 -5.30 -2.55
N PRO A 355 -7.15 -4.58 -2.04
CA PRO A 355 -6.01 -5.24 -1.40
C PRO A 355 -6.26 -5.75 0.03
N PHE A 356 -7.32 -6.55 0.19
CA PHE A 356 -7.57 -7.37 1.38
C PHE A 356 -6.31 -8.16 1.79
N ARG A 357 -6.15 -8.37 3.10
CA ARG A 357 -4.91 -8.91 3.65
C ARG A 357 -5.15 -9.39 5.08
N TRP A 358 -4.34 -10.35 5.53
CA TRP A 358 -4.53 -10.89 6.88
C TRP A 358 -3.20 -11.29 7.51
N ILE A 359 -3.16 -11.22 8.83
CA ILE A 359 -1.93 -11.36 9.62
C ILE A 359 -2.19 -12.36 10.73
N ALA A 360 -1.30 -13.37 10.83
CA ALA A 360 -1.28 -14.34 11.94
C ALA A 360 -0.69 -13.69 13.20
N ALA A 361 -1.54 -13.40 14.18
CA ALA A 361 -1.04 -12.77 15.41
C ALA A 361 -0.07 -13.68 16.16
N SER A 362 -0.21 -15.00 16.00
CA SER A 362 0.68 -15.97 16.65
C SER A 362 2.11 -15.82 16.19
N GLY A 363 2.31 -15.31 14.97
CA GLY A 363 3.65 -15.33 14.41
C GLY A 363 4.02 -16.67 13.77
N ASP A 364 3.08 -17.59 13.71
CA ASP A 364 3.36 -18.93 13.26
C ASP A 364 3.01 -19.08 11.78
N PRO A 365 3.98 -19.37 10.91
CA PRO A 365 3.64 -19.51 9.48
C PRO A 365 2.63 -20.59 9.19
N LYS A 366 2.53 -21.65 10.03
CA LYS A 366 1.47 -22.64 9.81
C LYS A 366 0.09 -22.02 9.80
N ASP A 367 -0.11 -20.90 10.51
CA ASP A 367 -1.44 -20.28 10.49
C ASP A 367 -1.76 -19.69 9.12
N ILE A 368 -0.77 -19.16 8.42
CA ILE A 368 -0.99 -18.65 7.07
C ILE A 368 -1.22 -19.82 6.10
N ALA A 369 -0.34 -20.82 6.11
CA ALA A 369 -0.54 -22.01 5.27
C ALA A 369 -1.91 -22.63 5.48
N ALA A 370 -2.45 -22.59 6.71
CA ALA A 370 -3.82 -23.06 6.94
C ALA A 370 -4.84 -22.24 6.14
N ILE A 371 -4.66 -20.91 6.08
CA ILE A 371 -5.65 -20.08 5.40
C ILE A 371 -5.50 -20.20 3.88
N ASP A 372 -4.25 -20.25 3.39
CA ASP A 372 -4.03 -20.60 1.99
C ASP A 372 -4.76 -21.88 1.61
N GLY A 373 -4.83 -22.85 2.55
CA GLY A 373 -5.55 -24.08 2.29
C GLY A 373 -7.07 -23.91 2.28
N ILE A 374 -7.60 -23.12 3.20
CA ILE A 374 -9.03 -22.82 3.15
C ILE A 374 -9.38 -22.15 1.83
N ILE A 375 -8.50 -21.28 1.32
CA ILE A 375 -8.80 -20.61 0.07
C ILE A 375 -8.85 -21.60 -1.09
N GLU A 376 -7.94 -22.58 -1.13
CA GLU A 376 -7.96 -23.49 -2.26
C GLU A 376 -9.15 -24.47 -2.22
N SER A 377 -9.75 -24.70 -1.05
CA SER A 377 -10.97 -25.49 -0.97
C SER A 377 -12.23 -24.68 -1.17
N THR A 378 -12.11 -23.36 -1.27
CA THR A 378 -13.30 -22.51 -1.21
C THR A 378 -13.63 -21.82 -2.52
N PHE A 379 -12.62 -21.31 -3.22
CA PHE A 379 -12.81 -20.46 -4.39
C PHE A 379 -12.64 -21.30 -5.65
N ALA A 380 -13.52 -21.06 -6.63
CA ALA A 380 -13.52 -21.88 -7.83
C ALA A 380 -12.18 -21.81 -8.52
N GLU A 381 -11.79 -22.94 -9.12
CA GLU A 381 -10.60 -22.91 -9.98
C GLU A 381 -10.70 -21.76 -10.98
N GLY A 382 -9.56 -21.18 -11.29
CA GLY A 382 -9.55 -20.06 -12.21
C GLY A 382 -9.91 -18.72 -11.61
N HIS A 383 -10.58 -18.68 -10.45
CA HIS A 383 -10.73 -17.42 -9.72
C HIS A 383 -9.38 -16.75 -9.54
N MET A 384 -9.39 -15.41 -9.55
CA MET A 384 -8.18 -14.63 -9.33
C MET A 384 -7.34 -15.12 -8.14
N ILE A 385 -7.98 -15.41 -7.01
CA ILE A 385 -7.27 -15.78 -5.80
C ILE A 385 -6.65 -17.17 -5.93
N ARG A 386 -7.26 -18.08 -6.71
CA ARG A 386 -6.73 -19.43 -6.89
C ARG A 386 -5.47 -19.39 -7.74
N GLN A 387 -5.37 -18.42 -8.63
CA GLN A 387 -4.14 -18.21 -9.36
C GLN A 387 -3.09 -17.51 -8.50
N TRP A 388 -3.50 -16.65 -7.56
CA TRP A 388 -2.51 -15.86 -6.82
C TRP A 388 -1.85 -16.68 -5.69
N ILE A 389 -2.64 -17.43 -4.89
CA ILE A 389 -2.07 -18.09 -3.70
C ILE A 389 -0.88 -18.96 -4.04
N PRO A 390 -0.89 -19.76 -5.11
CA PRO A 390 0.35 -20.50 -5.48
C PRO A 390 1.53 -19.59 -5.79
N MET A 391 1.30 -18.44 -6.46
CA MET A 391 2.39 -17.50 -6.71
C MET A 391 2.98 -16.98 -5.39
N ALA A 392 2.09 -16.58 -4.48
CA ALA A 392 2.54 -16.04 -3.20
C ALA A 392 3.34 -17.10 -2.45
N ARG A 393 2.78 -18.32 -2.40
CA ARG A 393 3.40 -19.44 -1.70
C ARG A 393 4.82 -19.67 -2.22
N LYS A 394 5.01 -19.54 -3.51
CA LYS A 394 6.28 -19.84 -4.13
C LYS A 394 7.26 -18.68 -4.08
N TYR A 395 6.79 -17.43 -4.16
CA TYR A 395 7.76 -16.36 -4.31
C TYR A 395 7.91 -15.43 -3.11
N ILE A 396 7.00 -15.43 -2.14
CA ILE A 396 6.94 -14.34 -1.17
C ILE A 396 7.43 -14.83 0.20
N GLN A 397 8.57 -14.28 0.63
CA GLN A 397 9.09 -14.52 1.98
C GLN A 397 8.31 -13.72 3.00
N PHE A 398 7.96 -14.36 4.10
CA PHE A 398 7.38 -13.63 5.23
C PHE A 398 8.35 -12.58 5.76
N GLN A 399 7.78 -11.48 6.27
CA GLN A 399 8.52 -10.44 6.99
C GLN A 399 7.74 -10.16 8.27
N GLY A 400 8.42 -10.22 9.40
CA GLY A 400 7.69 -9.98 10.64
C GLY A 400 6.65 -11.05 10.82
N LEU A 401 5.50 -10.67 11.33
CA LEU A 401 4.45 -11.64 11.50
C LEU A 401 4.06 -12.22 10.12
N PRO A 402 3.92 -13.54 10.01
CA PRO A 402 3.44 -14.11 8.76
C PRO A 402 2.09 -13.51 8.38
N ALA A 403 1.97 -13.11 7.11
CA ALA A 403 0.81 -12.38 6.60
C ALA A 403 0.61 -12.72 5.11
N ARG A 404 -0.61 -12.45 4.62
CA ARG A 404 -0.93 -12.72 3.21
C ARG A 404 -1.73 -11.57 2.61
N ILE A 405 -1.27 -11.04 1.47
CA ILE A 405 -2.10 -10.21 0.60
C ILE A 405 -2.92 -11.14 -0.28
N GLY A 406 -4.24 -10.90 -0.35
CA GLY A 406 -5.11 -11.72 -1.17
C GLY A 406 -6.31 -10.92 -1.64
N TRP A 407 -6.18 -10.21 -2.76
CA TRP A 407 -7.27 -9.36 -3.23
C TRP A 407 -8.57 -10.16 -3.35
N LEU A 408 -9.66 -9.62 -2.79
CA LEU A 408 -10.98 -10.26 -2.89
C LEU A 408 -12.05 -9.17 -2.95
N GLY A 409 -13.25 -9.57 -3.41
CA GLY A 409 -14.32 -8.65 -3.74
C GLY A 409 -15.52 -8.78 -2.82
N HIS A 410 -16.60 -8.08 -3.20
CA HIS A 410 -17.73 -7.95 -2.29
C HIS A 410 -18.34 -9.31 -1.93
N GLY A 411 -18.59 -9.52 -0.64
CA GLY A 411 -19.10 -10.79 -0.14
C GLY A 411 -18.03 -11.88 -0.05
N GLU A 412 -17.01 -11.86 -0.92
CA GLU A 412 -15.91 -12.83 -0.79
C GLU A 412 -15.08 -12.59 0.47
N ARG A 413 -14.85 -11.33 0.84
CA ARG A 413 -14.03 -11.06 2.01
C ARG A 413 -14.71 -11.58 3.27
N SER A 414 -16.01 -11.31 3.44
CA SER A 414 -16.62 -11.83 4.67
C SER A 414 -16.73 -13.34 4.64
N LYS A 415 -16.86 -13.93 3.45
CA LYS A 415 -16.95 -15.39 3.36
C LYS A 415 -15.66 -16.03 3.89
N LEU A 416 -14.49 -15.59 3.36
CA LEU A 416 -13.20 -16.07 3.82
C LEU A 416 -13.00 -15.80 5.32
N ALA A 417 -13.35 -14.60 5.80
CA ALA A 417 -13.08 -14.27 7.19
C ALA A 417 -13.93 -15.10 8.16
N LEU A 418 -15.16 -15.45 7.77
CA LEU A 418 -15.97 -16.29 8.65
C LEU A 418 -15.40 -17.71 8.72
N LEU A 419 -14.86 -18.21 7.60
CA LEU A 419 -14.28 -19.55 7.62
C LEU A 419 -13.02 -19.59 8.45
N VAL A 420 -12.23 -18.51 8.40
CA VAL A 420 -11.07 -18.38 9.27
C VAL A 420 -11.49 -18.28 10.72
N ASN A 421 -12.52 -17.50 11.01
CA ASN A 421 -12.95 -17.39 12.40
C ASN A 421 -13.34 -18.75 12.95
N GLU A 422 -14.02 -19.58 12.14
CA GLU A 422 -14.33 -20.95 12.57
C GLU A 422 -13.06 -21.74 12.80
N ALA A 423 -12.08 -21.59 11.90
CA ALA A 423 -10.84 -22.35 12.02
C ALA A 423 -10.05 -21.93 13.26
N VAL A 424 -10.23 -20.69 13.72
CA VAL A 424 -9.63 -20.25 14.98
C VAL A 424 -10.39 -20.88 16.14
N ALA A 425 -11.72 -20.97 16.03
CA ALA A 425 -12.54 -21.47 17.12
C ALA A 425 -12.23 -22.93 17.41
N ASP A 426 -11.87 -23.69 16.39
CA ASP A 426 -11.82 -25.12 16.54
C ASP A 426 -10.39 -25.66 16.50
N GLY A 427 -9.39 -24.83 16.44
CA GLY A 427 -8.02 -25.24 16.71
C GLY A 427 -7.14 -25.36 15.50
N ARG A 428 -7.69 -25.31 14.28
CA ARG A 428 -6.83 -25.37 13.09
C ARG A 428 -5.89 -24.17 13.02
N ILE A 429 -6.28 -23.05 13.61
CA ILE A 429 -5.42 -21.87 13.63
C ILE A 429 -5.15 -21.51 15.09
N SER A 430 -3.88 -21.22 15.39
CA SER A 430 -3.38 -21.28 16.78
C SER A 430 -3.74 -20.05 17.60
N ALA A 431 -4.07 -18.93 16.94
CA ALA A 431 -4.32 -17.66 17.60
C ALA A 431 -5.07 -16.76 16.62
N PRO A 432 -5.53 -15.60 17.07
CA PRO A 432 -6.38 -14.76 16.21
C PRO A 432 -5.72 -14.39 14.90
N ILE A 433 -6.54 -14.13 13.89
CA ILE A 433 -6.09 -13.60 12.60
C ILE A 433 -6.65 -12.19 12.49
N ALA A 434 -5.78 -11.23 12.11
CA ALA A 434 -6.22 -9.86 11.87
C ALA A 434 -6.47 -9.64 10.37
N PHE A 435 -7.71 -9.23 10.02
CA PHE A 435 -8.04 -8.88 8.64
C PHE A 435 -8.00 -7.36 8.46
N THR A 436 -7.31 -6.89 7.44
CA THR A 436 -7.31 -5.46 7.13
C THR A 436 -7.09 -5.32 5.62
N ARG A 437 -6.56 -4.18 5.17
CA ARG A 437 -6.46 -3.87 3.75
C ARG A 437 -5.69 -2.57 3.62
N ASP A 438 -5.06 -2.38 2.48
CA ASP A 438 -4.58 -1.04 2.19
C ASP A 438 -5.80 -0.11 2.03
N HIS A 439 -5.57 1.19 1.97
CA HIS A 439 -6.68 2.12 1.78
C HIS A 439 -6.91 2.39 0.31
N LEU A 440 -6.06 1.85 -0.54
CA LEU A 440 -6.23 1.86 -1.98
C LEU A 440 -7.31 0.83 -2.33
N ASP A 441 -8.57 1.24 -2.21
CA ASP A 441 -9.71 0.32 -2.24
C ASP A 441 -10.92 1.12 -2.74
N ALA A 442 -11.99 0.41 -3.14
CA ALA A 442 -13.06 1.09 -3.86
C ALA A 442 -13.78 2.13 -2.99
N GLY A 443 -14.08 1.77 -1.75
CA GLY A 443 -14.92 2.65 -0.95
C GLY A 443 -14.20 3.42 0.14
N SER A 444 -12.89 3.55 0.06
CA SER A 444 -12.14 4.01 1.22
C SER A 444 -11.16 5.14 0.94
N VAL A 445 -11.21 5.77 -0.24
CA VAL A 445 -10.24 6.82 -0.58
C VAL A 445 -10.85 7.78 -1.58
N ALA A 446 -10.64 9.08 -1.38
CA ALA A 446 -10.83 10.05 -2.45
C ALA A 446 -9.46 10.62 -2.84
N SER A 447 -9.14 10.57 -4.12
CA SER A 447 -7.76 10.92 -4.52
C SER A 447 -7.67 11.24 -6.02
N PRO A 448 -7.79 12.52 -6.38
CA PRO A 448 -7.89 12.87 -7.81
C PRO A 448 -6.62 12.58 -8.60
N TYR A 449 -5.47 12.60 -7.98
CA TYR A 449 -4.25 12.26 -8.69
C TYR A 449 -4.10 10.77 -8.88
N ARG A 450 -4.94 9.96 -8.24
CA ARG A 450 -4.70 8.53 -8.26
C ARG A 450 -6.00 7.73 -8.34
N GLU A 451 -6.50 7.23 -7.20
CA GLU A 451 -7.61 6.25 -7.25
C GLU A 451 -8.83 6.80 -7.96
N THR A 452 -9.12 8.09 -7.80
CA THR A 452 -10.35 8.62 -8.37
C THR A 452 -10.08 9.66 -9.46
N GLU A 453 -8.95 9.57 -10.14
CA GLU A 453 -8.72 10.39 -11.32
C GLU A 453 -9.76 10.11 -12.41
N LYS A 454 -10.38 11.16 -12.97
CA LYS A 454 -11.28 11.03 -14.13
C LYS A 454 -12.44 10.06 -13.88
N MET A 455 -13.09 10.22 -12.74
CA MET A 455 -14.37 9.57 -12.56
C MET A 455 -15.30 9.98 -13.69
N GLN A 456 -16.01 8.99 -14.20
CA GLN A 456 -16.96 9.22 -15.29
C GLN A 456 -17.87 10.44 -15.06
N ASP A 457 -18.34 10.65 -13.83
CA ASP A 457 -19.23 11.75 -13.53
C ASP A 457 -18.51 13.00 -13.02
N GLY A 458 -17.17 13.06 -13.05
CA GLY A 458 -16.48 14.25 -12.56
C GLY A 458 -16.35 14.38 -11.04
N SER A 459 -16.71 13.33 -10.29
CA SER A 459 -16.70 13.40 -8.84
C SER A 459 -15.34 13.09 -8.25
N ASP A 460 -14.26 13.13 -9.04
CA ASP A 460 -12.87 12.93 -8.57
C ASP A 460 -12.61 13.33 -7.12
N ALA A 461 -12.93 14.57 -6.76
CA ALA A 461 -12.48 15.14 -5.50
C ALA A 461 -13.50 14.99 -4.38
N VAL A 462 -14.65 14.38 -4.62
CA VAL A 462 -15.64 14.21 -3.56
C VAL A 462 -15.09 13.29 -2.49
N SER A 463 -14.95 13.79 -1.27
CA SER A 463 -14.35 12.94 -0.23
C SER A 463 -15.37 12.54 0.83
N ASP A 464 -16.66 12.77 0.61
CA ASP A 464 -17.66 12.18 1.50
C ASP A 464 -17.43 10.66 1.69
N TRP A 465 -16.95 9.96 0.66
CA TRP A 465 -16.96 8.50 0.66
C TRP A 465 -16.05 7.86 1.70
N PRO A 466 -14.77 8.21 1.83
CA PRO A 466 -14.00 7.60 2.93
C PRO A 466 -14.54 7.98 4.29
N LEU A 467 -15.16 9.17 4.44
CA LEU A 467 -15.70 9.48 5.77
C LEU A 467 -16.81 8.50 6.12
N LEU A 468 -17.67 8.17 5.14
CA LEU A 468 -18.74 7.21 5.37
C LEU A 468 -18.16 5.82 5.63
N ASN A 469 -17.10 5.46 4.89
CA ASN A 469 -16.46 4.18 5.10
C ASN A 469 -16.00 4.02 6.56
N ALA A 470 -15.37 5.06 7.12
CA ALA A 470 -14.93 4.99 8.51
C ALA A 470 -16.12 4.99 9.48
N MET A 471 -17.16 5.78 9.20
CA MET A 471 -18.29 5.78 10.11
C MET A 471 -19.00 4.42 10.11
N LEU A 472 -19.09 3.75 8.96
CA LEU A 472 -19.68 2.41 8.90
C LEU A 472 -18.82 1.42 9.69
N ALA A 473 -17.49 1.48 9.51
CA ALA A 473 -16.61 0.55 10.21
C ALA A 473 -16.78 0.66 11.74
N CYS A 474 -16.88 1.88 12.29
CA CYS A 474 -17.17 2.06 13.72
C CYS A 474 -18.52 1.45 14.10
N SER A 475 -19.55 1.74 13.28
CA SER A 475 -20.92 1.28 13.56
C SER A 475 -21.07 -0.22 13.45
N ASN A 476 -20.18 -0.89 12.73
CA ASN A 476 -20.25 -2.33 12.51
C ASN A 476 -19.31 -3.12 13.44
N GLY A 477 -18.56 -2.45 14.34
CA GLY A 477 -17.70 -3.13 15.28
C GLY A 477 -16.30 -3.51 14.81
N ALA A 478 -15.72 -2.75 13.87
CA ALA A 478 -14.35 -3.01 13.52
C ALA A 478 -13.49 -2.82 14.77
N SER A 479 -12.38 -3.55 14.84
CA SER A 479 -11.53 -3.52 16.03
C SER A 479 -10.79 -2.19 16.13
N LEU A 480 -10.45 -1.62 14.99
CA LEU A 480 -9.60 -0.45 14.87
C LEU A 480 -10.08 0.25 13.61
N VAL A 481 -10.29 1.57 13.68
CA VAL A 481 -10.72 2.36 12.54
C VAL A 481 -9.84 3.59 12.47
N ALA A 482 -9.37 3.94 11.26
CA ALA A 482 -8.55 5.15 11.08
C ALA A 482 -9.07 6.01 9.94
N LEU A 483 -8.93 7.33 10.08
CA LEU A 483 -9.12 8.29 8.99
C LEU A 483 -7.82 9.04 8.75
N HIS A 484 -7.30 8.98 7.52
CA HIS A 484 -6.02 9.60 7.18
C HIS A 484 -6.18 10.61 6.07
N SER A 485 -5.28 11.57 6.02
CA SER A 485 -5.14 12.41 4.83
C SER A 485 -3.68 12.42 4.40
N ASN A 486 -3.50 12.70 3.13
CA ASN A 486 -2.18 13.00 2.60
C ASN A 486 -2.22 14.46 2.15
N GLY A 487 -1.94 15.38 3.08
CA GLY A 487 -2.00 16.82 2.80
C GLY A 487 -3.38 17.24 2.34
N ASP A 488 -3.41 18.02 1.26
CA ASP A 488 -4.66 18.42 0.64
C ASP A 488 -4.99 17.55 -0.58
N LYS A 489 -4.26 16.46 -0.79
CA LYS A 489 -4.44 15.66 -2.00
C LYS A 489 -5.38 14.48 -1.86
N SER A 490 -5.56 13.90 -0.68
CA SER A 490 -6.41 12.74 -0.62
C SER A 490 -6.82 12.51 0.82
N ALA A 491 -7.87 11.72 0.99
CA ALA A 491 -8.38 11.30 2.29
C ALA A 491 -8.70 9.82 2.20
N SER A 492 -8.45 9.04 3.24
CA SER A 492 -8.70 7.61 3.18
C SER A 492 -9.11 7.09 4.55
N ALA A 493 -9.74 5.92 4.53
CA ALA A 493 -10.18 5.25 5.75
C ALA A 493 -9.57 3.85 5.81
N GLY A 494 -9.14 3.45 7.00
CA GLY A 494 -8.66 2.10 7.18
C GLY A 494 -9.46 1.44 8.27
N GLN A 495 -9.49 0.11 8.33
CA GLN A 495 -10.09 -0.58 9.47
C GLN A 495 -9.45 -1.95 9.61
N THR A 496 -9.42 -2.46 10.83
CA THR A 496 -8.92 -3.79 11.15
C THR A 496 -10.00 -4.49 11.94
N ALA A 497 -10.25 -5.75 11.62
CA ALA A 497 -11.31 -6.54 12.26
C ALA A 497 -10.70 -7.91 12.55
N ILE A 498 -10.81 -8.39 13.78
CA ILE A 498 -9.98 -9.49 14.25
C ILE A 498 -10.82 -10.74 14.36
N ALA A 499 -10.36 -11.82 13.74
CA ALA A 499 -11.03 -13.13 13.85
C ALA A 499 -10.41 -13.86 15.04
N ASP A 500 -11.09 -13.81 16.18
CA ASP A 500 -10.59 -14.43 17.40
C ASP A 500 -11.36 -15.69 17.78
N GLY A 501 -12.17 -16.25 16.87
CA GLY A 501 -12.94 -17.44 17.14
C GLY A 501 -14.26 -17.27 17.88
N THR A 502 -14.59 -16.10 18.33
CA THR A 502 -15.82 -15.90 19.11
C THR A 502 -16.99 -15.65 18.19
N PRO A 503 -18.23 -15.86 18.65
CA PRO A 503 -19.40 -15.41 17.87
C PRO A 503 -19.49 -13.89 17.72
N MET A 504 -19.11 -13.14 18.74
CA MET A 504 -19.08 -11.69 18.59
C MET A 504 -18.23 -11.30 17.40
N ALA A 505 -17.10 -11.97 17.21
CA ALA A 505 -16.26 -11.65 16.07
C ALA A 505 -16.88 -12.12 14.78
N ALA A 506 -17.60 -13.26 14.81
CA ALA A 506 -18.36 -13.68 13.64
C ALA A 506 -19.32 -12.57 13.18
N PHE A 507 -20.05 -11.98 14.12
CA PHE A 507 -20.98 -10.92 13.73
C PHE A 507 -20.24 -9.72 13.14
N LYS A 508 -19.16 -9.29 13.81
CA LYS A 508 -18.38 -8.14 13.39
C LYS A 508 -17.74 -8.36 12.02
N LEU A 509 -17.14 -9.53 11.80
CA LEU A 509 -16.45 -9.76 10.54
C LEU A 509 -17.42 -9.60 9.36
N LYS A 510 -18.64 -10.14 9.52
CA LYS A 510 -19.65 -10.12 8.48
C LYS A 510 -20.19 -8.71 8.26
N SER A 511 -20.60 -8.04 9.33
CA SER A 511 -21.09 -6.66 9.22
C SER A 511 -20.03 -5.71 8.66
N VAL A 512 -18.83 -5.69 9.27
CA VAL A 512 -17.80 -4.74 8.84
C VAL A 512 -17.45 -4.96 7.38
N LEU A 513 -17.00 -6.17 7.05
CA LEU A 513 -16.46 -6.37 5.73
C LEU A 513 -17.51 -6.24 4.62
N ASP A 514 -18.78 -6.63 4.85
CA ASP A 514 -19.75 -6.46 3.76
C ASP A 514 -20.09 -5.00 3.56
N ALA A 515 -20.06 -4.21 4.64
CA ALA A 515 -20.29 -2.77 4.47
C ALA A 515 -19.07 -2.08 3.90
N ASP A 516 -17.87 -2.61 4.17
CA ASP A 516 -16.63 -2.04 3.63
C ASP A 516 -16.57 -2.19 2.11
N THR A 517 -16.85 -3.39 1.59
CA THR A 517 -16.94 -3.51 0.15
C THR A 517 -18.24 -2.92 -0.38
N GLY A 518 -19.33 -3.00 0.39
CA GLY A 518 -20.61 -2.46 -0.08
C GLY A 518 -20.54 -0.98 -0.42
N ILE A 519 -19.94 -0.17 0.46
CA ILE A 519 -19.88 1.27 0.20
C ILE A 519 -18.99 1.57 -1.00
N GLY A 520 -17.98 0.74 -1.27
CA GLY A 520 -17.18 0.93 -2.46
C GLY A 520 -17.96 0.66 -3.73
N VAL A 521 -18.72 -0.44 -3.75
CA VAL A 521 -19.61 -0.73 -4.88
C VAL A 521 -20.61 0.40 -5.10
N ILE A 522 -21.27 0.86 -4.03
CA ILE A 522 -22.16 2.01 -4.09
C ILE A 522 -21.43 3.22 -4.69
N ARG A 523 -20.20 3.43 -4.28
CA ARG A 523 -19.50 4.64 -4.71
C ARG A 523 -19.29 4.63 -6.21
N TYR A 524 -18.83 3.49 -6.75
CA TYR A 524 -18.65 3.37 -8.21
C TYR A 524 -19.99 3.28 -8.94
N ALA A 525 -21.01 2.64 -8.38
CA ALA A 525 -22.29 2.65 -9.08
C ALA A 525 -22.78 4.09 -9.18
N ASP A 526 -22.60 4.85 -8.12
CA ASP A 526 -23.06 6.24 -8.13
C ASP A 526 -22.38 7.01 -9.26
N ALA A 527 -21.11 6.72 -9.52
CA ALA A 527 -20.41 7.40 -10.59
C ALA A 527 -20.85 6.97 -11.98
N GLY A 528 -21.65 5.91 -12.11
CA GLY A 528 -22.16 5.47 -13.38
C GLY A 528 -21.48 4.28 -13.99
N TYR A 529 -20.63 3.54 -13.27
CA TYR A 529 -19.98 2.36 -13.85
C TYR A 529 -20.99 1.20 -13.85
N GLU A 530 -21.32 0.69 -15.05
CA GLU A 530 -22.41 -0.27 -15.19
C GLU A 530 -22.15 -1.57 -14.40
N VAL A 531 -20.91 -2.07 -14.36
CA VAL A 531 -20.65 -3.30 -13.61
C VAL A 531 -20.94 -3.08 -12.12
N ALA A 532 -20.59 -1.90 -11.60
CA ALA A 532 -20.92 -1.60 -10.20
C ALA A 532 -22.42 -1.42 -10.03
N ARG A 533 -23.12 -0.80 -11.00
CA ARG A 533 -24.56 -0.64 -10.82
C ARG A 533 -25.26 -2.00 -10.72
N GLU A 534 -24.78 -2.98 -11.49
CA GLU A 534 -25.41 -4.29 -11.48
C GLU A 534 -25.08 -5.02 -10.19
N THR A 535 -23.80 -5.01 -9.77
CA THR A 535 -23.44 -5.53 -8.43
C THR A 535 -24.29 -4.90 -7.32
N ARG A 536 -24.46 -3.56 -7.35
CA ARG A 536 -25.26 -2.89 -6.33
C ARG A 536 -26.69 -3.43 -6.32
N ALA A 537 -27.31 -3.54 -7.51
CA ALA A 537 -28.68 -4.08 -7.62
C ALA A 537 -28.76 -5.53 -7.13
N LEU A 538 -27.76 -6.35 -7.52
CA LEU A 538 -27.76 -7.77 -7.22
C LEU A 538 -27.69 -8.02 -5.72
N HIS A 539 -26.90 -7.22 -5.00
CA HIS A 539 -26.76 -7.41 -3.57
C HIS A 539 -27.67 -6.51 -2.76
N GLY A 540 -28.65 -5.86 -3.36
CA GLY A 540 -29.55 -5.06 -2.55
C GLY A 540 -28.89 -3.91 -1.83
N LEU A 541 -27.87 -3.33 -2.43
CA LEU A 541 -27.18 -2.22 -1.83
C LEU A 541 -27.81 -0.86 -2.13
N GLY A 542 -28.82 -0.78 -2.98
CA GLY A 542 -29.26 0.50 -3.51
C GLY A 542 -30.37 1.16 -2.69
N ILE A 543 -30.75 2.34 -3.15
CA ILE A 543 -31.92 3.06 -2.67
C ILE A 543 -32.62 3.63 -3.89
N GLU A 544 -33.93 3.39 -4.00
CA GLU A 544 -34.67 3.86 -5.16
C GLU A 544 -34.98 5.33 -5.03
N ILE A 545 -34.60 6.11 -6.05
CA ILE A 545 -34.78 7.55 -6.09
C ILE A 545 -35.51 7.91 -7.38
N GLY A 546 -36.61 8.65 -7.26
CA GLY A 546 -37.46 8.96 -8.40
C GLY A 546 -36.76 9.88 -9.39
N GLY A 547 -37.54 10.30 -10.41
CA GLY A 547 -37.03 11.22 -11.44
C GLY A 547 -35.72 10.80 -12.08
N GLY A 548 -35.44 9.48 -12.09
CA GLY A 548 -34.31 8.89 -12.81
C GLY A 548 -34.74 8.28 -14.14
O1 PG4 B . -25.20 -6.42 19.62
C1 PG4 B . -25.93 -7.10 18.56
C2 PG4 B . -25.08 -8.07 17.82
O2 PG4 B . -25.57 -9.40 17.93
C3 PG4 B . -24.51 -10.37 17.88
C4 PG4 B . -24.32 -11.04 19.20
O3 PG4 B . -23.27 -12.00 19.19
C5 PG4 B . -22.22 -11.70 20.12
C6 PG4 B . -22.54 -12.09 21.56
O4 PG4 B . -21.98 -11.17 22.51
C7 PG4 B . -22.82 -10.80 23.62
C8 PG4 B . -23.38 -9.39 23.46
O5 PG4 B . -24.18 -8.98 24.57
HO1 PG4 B . -25.16 -7.04 20.40
H11 PG4 B . -26.33 -6.36 17.88
H12 PG4 B . -26.78 -7.62 19.00
H21 PG4 B . -24.06 -8.01 18.18
H22 PG4 B . -25.03 -7.77 16.77
H31 PG4 B . -23.58 -9.89 17.57
H32 PG4 B . -24.73 -11.12 17.12
H41 PG4 B . -24.13 -10.27 19.95
H42 PG4 B . -25.27 -11.50 19.48
H51 PG4 B . -21.32 -12.22 19.80
H52 PG4 B . -22.00 -10.64 20.07
H61 PG4 B . -23.62 -12.13 21.67
H62 PG4 B . -22.17 -13.10 21.75
H71 PG4 B . -23.63 -11.52 23.70
H72 PG4 B . -22.25 -10.88 24.54
H81 PG4 B . -22.60 -8.62 23.39
H82 PG4 B . -24.02 -9.28 22.59
HO5 PG4 B . -23.57 -8.74 25.31
O1 O66 C . -1.55 8.38 -1.58
O2 O66 C . -0.26 3.15 1.86
N1 O66 C . -0.31 2.68 -0.40
C2 O66 C . 0.72 6.09 0.38
C3 O66 C . -0.26 4.93 0.17
C4 O66 C . -0.35 3.40 -1.53
C5 O66 C . -0.22 3.50 0.68
N O66 C . -0.26 4.65 -1.28
C O66 C . -1.05 7.82 -0.43
O O66 C . -1.69 7.78 0.62
C1 O66 C . 0.35 7.28 -0.53
H O66 C . -0.89 8.34 -2.32
H7 O66 C . -0.34 1.66 -0.35
H3 O66 C . 1.74 5.75 0.19
H4 O66 C . 0.72 6.39 1.43
H5 O66 C . -1.15 5.26 0.71
H6 O66 C . -0.44 2.99 -2.52
H2 O66 C . 1.05 8.10 -0.34
H1 O66 C . 0.55 7.01 -1.57
PA NAD D . 10.62 4.74 0.31
O1A NAD D . 10.93 6.07 0.88
O2A NAD D . 10.66 3.55 1.19
O5B NAD D . 11.52 4.47 -0.97
C5B NAD D . 11.73 5.46 -2.00
C4B NAD D . 12.99 5.10 -2.75
O4B NAD D . 13.22 6.04 -3.81
C3B NAD D . 14.27 5.09 -1.91
O3B NAD D . 14.83 3.78 -1.90
C2B NAD D . 15.18 6.12 -2.58
O2B NAD D . 16.53 5.74 -2.57
C1B NAD D . 14.61 6.16 -3.99
N9A NAD D . 14.90 7.37 -4.74
C8A NAD D . 14.63 8.65 -4.35
N7A NAD D . 15.00 9.55 -5.22
C5A NAD D . 15.54 8.81 -6.26
C6A NAD D . 16.11 9.19 -7.48
N6A NAD D . 16.21 10.46 -7.88
N1A NAD D . 16.55 8.22 -8.30
C2A NAD D . 16.43 6.94 -7.89
N3A NAD D . 15.93 6.47 -6.75
C4A NAD D . 15.49 7.46 -5.98
O3 NAD D . 9.18 4.81 -0.36
PN NAD D . 8.13 3.67 -0.73
O1N NAD D . 8.79 2.67 -1.61
O2N NAD D . 7.47 3.19 0.51
O5D NAD D . 7.09 4.53 -1.57
C5D NAD D . 7.46 5.07 -2.84
C4D NAD D . 6.30 5.82 -3.44
O4D NAD D . 5.28 4.87 -3.79
C3D NAD D . 5.63 6.86 -2.54
O3D NAD D . 5.21 7.98 -3.29
C2D NAD D . 4.38 6.13 -2.05
O2D NAD D . 3.35 7.03 -1.69
C1D NAD D . 4.05 5.32 -3.30
N1N NAD D . 3.21 4.11 -3.07
C2N NAD D . 2.25 3.79 -3.99
C3N NAD D . 1.65 2.56 -3.95
C7N NAD D . 0.77 2.14 -5.11
O7N NAD D . -0.29 1.57 -4.89
N7N NAD D . 1.18 2.41 -6.34
C4N NAD D . 1.78 1.81 -2.77
C5N NAD D . 2.60 2.24 -1.78
C6N NAD D . 3.45 3.27 -2.04
HOA2 NAD D . 22.96 6.52 7.79
H51A NAD D . 10.96 5.49 -2.62
H52A NAD D . 11.84 6.37 -1.59
H4B NAD D . 12.85 4.21 -3.14
H3B NAD D . 14.08 5.37 -0.98
HO3A NAD D . 14.47 3.34 -1.27
H2B NAD D . 15.07 7.00 -2.14
HO2A NAD D . 16.60 4.94 -2.31
H1B NAD D . 14.93 5.39 -4.49
H8A NAD D . 14.21 8.86 -3.54
H61A NAD D . 16.29 11.10 -7.28
H62A NAD D . 16.19 10.65 -8.73
H2A NAD D . 16.77 6.30 -8.49
H51N NAD D . 7.74 4.35 -3.44
H52N NAD D . 8.24 5.69 -2.74
H4D NAD D . 6.60 6.25 -4.25
H3D NAD D . 6.20 7.14 -1.78
HO3N NAD D . 5.40 8.68 -2.85
H2D NAD D . 4.61 5.57 -1.28
HO2N NAD D . 3.20 7.58 -2.33
H1D NAD D . 3.61 5.89 -3.98
H2N NAD D . 2.01 4.40 -4.65
H71N NAD D . 0.60 2.44 -7.01
H72N NAD D . 2.04 2.58 -6.50
H4N NAD D . 1.21 1.08 -2.62
H5N NAD D . 2.59 1.84 -0.92
H6N NAD D . 4.24 3.36 -1.55
C ACY E . 0.58 -1.24 2.04
O ACY E . 0.34 -2.03 1.17
OXT ACY E . 0.64 -1.67 3.32
CH3 ACY E . 0.82 0.23 1.91
HXT ACY E . 0.50 -2.66 3.37
H1 ACY E . 0.28 0.79 2.67
H2 ACY E . 0.48 0.60 0.94
H3 ACY E . 1.88 0.47 1.99
C1 EDO F . 3.21 -4.22 -30.21
O1 EDO F . 3.27 -3.29 -29.10
C2 EDO F . 3.91 -5.63 -29.94
O2 EDO F . 2.94 -6.59 -29.58
H11 EDO F . 3.70 -3.77 -31.08
H12 EDO F . 2.18 -4.41 -30.48
HO1 EDO F . 2.41 -3.38 -28.61
H21 EDO F . 4.62 -5.61 -29.12
H22 EDO F . 4.42 -6.05 -30.80
HO2 EDO F . 2.14 -6.43 -30.15
#